data_3ZQU
#
_entry.id   3ZQU
#
_cell.length_a   141.770
_cell.length_b   141.770
_cell.length_c   141.770
_cell.angle_alpha   90.00
_cell.angle_beta   90.00
_cell.angle_gamma   90.00
#
_symmetry.space_group_name_H-M   'F 2 3'
#
loop_
_entity.id
_entity.type
_entity.pdbx_description
1 polymer 'PROBABLE AROMATIC ACID DECARBOXYLASE'
2 non-polymer 1-DEOXY-1-(7,8-DIMETHYL-2,4-DIOXO-3,4-DIHYDRO-2H-BENZO[G]PTERIDIN-1-ID-10(5H)-YL)-5-O-PHOSPHONATO-D-RIBITOL
3 non-polymer 'SULFATE ION'
4 water water
#
_entity_poly.entity_id   1
_entity_poly.type   'polypeptide(L)'
_entity_poly.pdbx_seq_one_letter_code
;MSGPERITLAMTGASGAQYGLRLLDCLVQEEREVHFLISKAAQLVMATETDVALPAKPQAMQAFLTEYCGAAAGQIRVFG
QNDWMAPPASGSSAPNAMVICPCSTGTLSAVATGACNNLIERAADVALKERRPLVLVPREAPFSSIHLENMLKLSNLGAV
ILPAAPGFYHQPQSVEDLVDFVVARILNTLGIPQDMLPRWGEQHLVSDE
;
_entity_poly.pdbx_strand_id   A
#
loop_
_chem_comp.id
_chem_comp.type
_chem_comp.name
_chem_comp.formula
FNR non-polymer 1-DEOXY-1-(7,8-DIMETHYL-2,4-DIOXO-3,4-DIHYDRO-2H-BENZO[G]PTERIDIN-1-ID-10(5H)-YL)-5-O-PHOSPHONATO-D-RIBITOL 'C17 H23 N4 O9 P'
SO4 non-polymer 'SULFATE ION' 'O4 S -2'
#
# COMPACT_ATOMS: atom_id res chain seq x y z
N MET A 1 7.34 -18.60 6.72
CA MET A 1 7.63 -17.15 6.46
C MET A 1 7.26 -16.26 7.64
N SER A 2 7.91 -15.12 7.75
CA SER A 2 7.51 -14.11 8.73
C SER A 2 6.61 -13.07 8.05
N GLY A 3 5.62 -12.57 8.78
CA GLY A 3 4.63 -11.67 8.22
C GLY A 3 3.52 -12.37 7.46
N PRO A 4 2.54 -11.60 6.95
CA PRO A 4 1.40 -12.16 6.28
C PRO A 4 1.70 -12.80 4.92
N GLU A 5 0.97 -13.87 4.67
CA GLU A 5 0.98 -14.55 3.37
C GLU A 5 0.31 -13.77 2.28
N ARG A 6 -0.73 -13.02 2.65
CA ARG A 6 -1.53 -12.28 1.66
C ARG A 6 -1.60 -10.82 2.08
N ILE A 7 -1.38 -9.97 1.10
CA ILE A 7 -1.52 -8.52 1.32
C ILE A 7 -2.48 -7.96 0.30
N THR A 8 -3.43 -7.15 0.76
CA THR A 8 -4.25 -6.35 -0.12
C THR A 8 -3.55 -5.04 -0.33
N LEU A 9 -3.11 -4.76 -1.57
CA LEU A 9 -2.40 -3.53 -1.90
C LEU A 9 -3.30 -2.67 -2.72
N ALA A 10 -3.71 -1.53 -2.18
CA ALA A 10 -4.56 -0.62 -2.90
C ALA A 10 -3.79 0.63 -3.22
N MET A 11 -3.86 1.06 -4.46
CA MET A 11 -3.21 2.30 -4.85
C MET A 11 -4.30 3.33 -5.13
N THR A 12 -4.22 4.50 -4.48
CA THR A 12 -5.20 5.54 -4.70
C THR A 12 -4.48 6.82 -5.18
N GLY A 13 -5.25 7.85 -5.53
CA GLY A 13 -4.80 8.94 -6.39
C GLY A 13 -3.95 10.03 -5.72
N ALA A 14 -3.12 9.67 -4.75
CA ALA A 14 -2.08 10.62 -4.33
C ALA A 14 -0.85 10.48 -5.24
N SER A 15 -0.05 11.54 -5.34
CA SER A 15 1.27 11.44 -5.96
C SER A 15 2.12 10.39 -5.25
N GLY A 16 2.95 9.69 -5.99
CA GLY A 16 3.85 8.67 -5.42
C GLY A 16 3.55 7.27 -5.93
N ALA A 17 3.03 7.19 -7.18
CA ALA A 17 2.84 5.85 -7.79
C ALA A 17 4.07 4.96 -7.65
N GLN A 18 5.26 5.54 -7.73
CA GLN A 18 6.50 4.76 -7.59
C GLN A 18 6.55 3.93 -6.29
N TYR A 19 6.00 4.47 -5.19
CA TYR A 19 6.05 3.74 -3.93
C TYR A 19 5.18 2.48 -4.04
N GLY A 20 4.00 2.60 -4.64
CA GLY A 20 3.10 1.44 -4.80
C GLY A 20 3.68 0.35 -5.70
N LEU A 21 4.30 0.77 -6.81
CA LEU A 21 4.85 -0.22 -7.74
C LEU A 21 6.04 -0.90 -7.12
N ARG A 22 6.90 -0.15 -6.42
CA ARG A 22 8.06 -0.76 -5.79
C ARG A 22 7.63 -1.71 -4.67
N LEU A 23 6.60 -1.32 -3.90
CA LEU A 23 6.12 -2.21 -2.85
C LEU A 23 5.56 -3.52 -3.49
N LEU A 24 4.80 -3.40 -4.55
CA LEU A 24 4.22 -4.56 -5.23
C LEU A 24 5.37 -5.46 -5.65
N ASP A 25 6.39 -4.87 -6.26
CA ASP A 25 7.55 -5.69 -6.68
C ASP A 25 8.25 -6.41 -5.52
N CYS A 26 8.49 -5.70 -4.42
CA CYS A 26 9.05 -6.32 -3.22
C CYS A 26 8.19 -7.44 -2.64
N LEU A 27 6.88 -7.23 -2.59
CA LEU A 27 6.00 -8.25 -2.04
C LEU A 27 6.02 -9.51 -2.92
N VAL A 28 6.07 -9.30 -4.24
CA VAL A 28 6.20 -10.42 -5.21
C VAL A 28 7.52 -11.17 -4.97
N GLN A 29 8.61 -10.45 -4.74
CA GLN A 29 9.90 -11.12 -4.54
C GLN A 29 9.93 -11.89 -3.24
N GLU A 30 9.10 -11.48 -2.27
CA GLU A 30 9.02 -12.19 -1.01
C GLU A 30 7.94 -13.29 -1.03
N GLU A 31 7.46 -13.64 -2.24
CA GLU A 31 6.57 -14.80 -2.48
C GLU A 31 5.24 -14.64 -1.76
N ARG A 32 4.82 -13.37 -1.65
CA ARG A 32 3.48 -13.13 -1.10
C ARG A 32 2.39 -13.06 -2.17
N GLU A 33 1.16 -13.42 -1.77
CA GLU A 33 -0.02 -13.30 -2.63
C GLU A 33 -0.50 -11.85 -2.47
N VAL A 34 -0.76 -11.17 -3.57
CA VAL A 34 -1.16 -9.75 -3.48
C VAL A 34 -2.53 -9.60 -4.11
N HIS A 35 -3.49 -8.98 -3.40
CA HIS A 35 -4.78 -8.67 -3.97
C HIS A 35 -4.70 -7.18 -4.30
N PHE A 36 -4.63 -6.84 -5.57
CA PHE A 36 -4.27 -5.50 -6.01
C PHE A 36 -5.48 -4.76 -6.44
N LEU A 37 -5.65 -3.56 -5.88
CA LEU A 37 -6.77 -2.70 -6.18
C LEU A 37 -6.19 -1.35 -6.58
N ILE A 38 -6.82 -0.65 -7.53
CA ILE A 38 -6.36 0.64 -7.93
C ILE A 38 -7.55 1.52 -8.31
N SER A 39 -7.55 2.76 -7.81
CA SER A 39 -8.62 3.66 -8.10
C SER A 39 -8.50 4.30 -9.48
N LYS A 40 -9.59 4.90 -9.94
CA LYS A 40 -9.54 5.58 -11.23
C LYS A 40 -8.54 6.75 -11.20
N ALA A 41 -8.57 7.54 -10.11
CA ALA A 41 -7.64 8.65 -10.06
C ALA A 41 -6.20 8.12 -10.00
N ALA A 42 -5.95 7.01 -9.29
CA ALA A 42 -4.61 6.44 -9.26
C ALA A 42 -4.11 5.97 -10.64
N GLN A 43 -5.03 5.49 -11.47
CA GLN A 43 -4.61 5.18 -12.86
C GLN A 43 -4.09 6.44 -13.53
N LEU A 44 -4.76 7.58 -13.33
CA LEU A 44 -4.32 8.82 -13.97
CA LEU A 44 -4.33 8.85 -13.96
C LEU A 44 -2.97 9.24 -13.39
N VAL A 45 -2.78 9.10 -12.08
CA VAL A 45 -1.52 9.47 -11.49
C VAL A 45 -0.39 8.58 -12.09
N MET A 46 -0.63 7.27 -12.23
CA MET A 46 0.35 6.33 -12.77
CA MET A 46 0.45 6.41 -12.73
C MET A 46 0.78 6.77 -14.19
N ALA A 47 -0.21 7.17 -14.96
CA ALA A 47 -0.01 7.60 -16.38
C ALA A 47 0.77 8.89 -16.46
N THR A 48 0.54 9.79 -15.50
CA THR A 48 1.19 11.12 -15.41
C THR A 48 2.62 11.03 -14.91
N GLU A 49 2.91 10.19 -13.92
CA GLU A 49 4.18 10.24 -13.16
C GLU A 49 5.15 9.17 -13.52
N THR A 50 4.69 8.17 -14.28
CA THR A 50 5.55 7.04 -14.59
C THR A 50 5.47 6.76 -16.09
N ASP A 51 6.33 5.86 -16.56
CA ASP A 51 6.23 5.34 -17.93
C ASP A 51 5.59 3.96 -17.96
N VAL A 52 4.96 3.58 -16.85
CA VAL A 52 4.17 2.35 -16.82
C VAL A 52 2.84 2.51 -17.56
N ALA A 53 2.63 1.68 -18.59
CA ALA A 53 1.40 1.73 -19.37
C ALA A 53 0.43 0.65 -18.86
N LEU A 54 -0.38 1.01 -17.86
CA LEU A 54 -1.14 0.01 -17.16
C LEU A 54 -2.46 -0.19 -17.85
N PRO A 55 -2.78 -1.41 -18.29
CA PRO A 55 -4.09 -1.58 -18.93
C PRO A 55 -5.23 -1.35 -17.95
N ALA A 56 -6.38 -0.88 -18.43
CA ALA A 56 -7.49 -0.49 -17.55
C ALA A 56 -8.36 -1.62 -16.97
N LYS A 57 -8.68 -2.66 -17.75
CA LYS A 57 -9.61 -3.69 -17.26
C LYS A 57 -8.88 -4.69 -16.35
N PRO A 58 -9.57 -5.25 -15.32
CA PRO A 58 -8.85 -6.10 -14.37
C PRO A 58 -8.05 -7.28 -14.98
N GLN A 59 -8.58 -8.05 -15.94
CA GLN A 59 -7.77 -9.20 -16.43
CA GLN A 59 -7.83 -9.20 -16.47
C GLN A 59 -6.53 -8.78 -17.18
N ALA A 60 -6.65 -7.79 -18.06
CA ALA A 60 -5.48 -7.21 -18.74
C ALA A 60 -4.44 -6.62 -17.77
N MET A 61 -4.96 -5.90 -16.76
CA MET A 61 -4.11 -5.36 -15.71
C MET A 61 -3.34 -6.46 -14.96
N GLN A 62 -4.06 -7.53 -14.59
CA GLN A 62 -3.46 -8.63 -13.91
C GLN A 62 -2.35 -9.29 -14.73
N ALA A 63 -2.63 -9.50 -16.01
CA ALA A 63 -1.58 -10.06 -16.86
C ALA A 63 -0.38 -9.14 -17.00
N PHE A 64 -0.63 -7.84 -17.16
CA PHE A 64 0.48 -6.89 -17.21
C PHE A 64 1.37 -6.85 -15.95
N LEU A 65 0.75 -6.73 -14.77
CA LEU A 65 1.50 -6.69 -13.54
C LEU A 65 2.28 -7.98 -13.23
N THR A 66 1.67 -9.11 -13.61
CA THR A 66 2.33 -10.40 -13.46
C THR A 66 3.63 -10.39 -14.27
N GLU A 67 3.56 -9.91 -15.50
CA GLU A 67 4.79 -9.80 -16.28
C GLU A 67 5.79 -8.75 -15.72
N TYR A 68 5.29 -7.55 -15.37
CA TYR A 68 6.12 -6.47 -14.81
C TYR A 68 6.95 -6.89 -13.60
N CYS A 69 6.34 -7.66 -12.70
CA CYS A 69 6.94 -8.07 -11.45
C CYS A 69 7.66 -9.41 -11.48
N GLY A 70 7.49 -10.11 -12.59
CA GLY A 70 8.01 -11.47 -12.61
C GLY A 70 7.31 -12.37 -11.61
N ALA A 71 5.98 -12.17 -11.47
CA ALA A 71 5.22 -12.90 -10.47
C ALA A 71 4.84 -14.29 -11.01
N ALA A 72 4.58 -15.21 -10.09
CA ALA A 72 3.94 -16.49 -10.48
C ALA A 72 2.49 -16.35 -10.90
N ALA A 73 1.98 -17.32 -11.69
CA ALA A 73 0.61 -17.30 -12.14
C ALA A 73 -0.26 -17.36 -10.87
N GLY A 74 -1.21 -16.45 -10.82
CA GLY A 74 -2.12 -16.33 -9.68
C GLY A 74 -1.56 -15.67 -8.41
N GLN A 75 -0.32 -15.25 -8.44
CA GLN A 75 0.27 -14.61 -7.26
C GLN A 75 -0.34 -13.21 -7.07
N ILE A 76 -0.60 -12.52 -8.16
CA ILE A 76 -1.23 -11.19 -8.10
C ILE A 76 -2.66 -11.35 -8.57
N ARG A 77 -3.60 -10.93 -7.76
CA ARG A 77 -4.99 -10.97 -8.15
CA ARG A 77 -4.99 -10.98 -8.13
C ARG A 77 -5.36 -9.50 -8.37
N VAL A 78 -6.22 -9.21 -9.32
CA VAL A 78 -6.67 -7.81 -9.50
C VAL A 78 -8.17 -7.78 -9.40
N PHE A 79 -8.71 -6.88 -8.59
CA PHE A 79 -10.17 -6.80 -8.46
C PHE A 79 -10.62 -5.40 -8.77
N GLY A 80 -11.73 -5.28 -9.47
CA GLY A 80 -12.32 -4.00 -9.83
C GLY A 80 -12.94 -3.22 -8.68
N GLN A 81 -13.22 -1.95 -8.93
CA GLN A 81 -13.68 -1.02 -7.86
C GLN A 81 -15.04 -1.33 -7.28
N ASN A 82 -15.86 -2.13 -7.95
CA ASN A 82 -17.15 -2.51 -7.41
C ASN A 82 -17.34 -3.98 -7.23
N ASP A 83 -16.22 -4.71 -7.15
CA ASP A 83 -16.31 -6.16 -7.11
C ASP A 83 -16.53 -6.67 -5.70
N TRP A 84 -17.79 -6.70 -5.26
CA TRP A 84 -18.11 -7.11 -3.87
C TRP A 84 -17.99 -8.61 -3.64
N MET A 85 -17.77 -9.35 -4.72
CA MET A 85 -17.54 -10.82 -4.58
C MET A 85 -16.06 -11.12 -4.37
N ALA A 86 -15.20 -10.10 -4.40
CA ALA A 86 -13.77 -10.32 -4.15
C ALA A 86 -13.48 -10.48 -2.64
N PRO A 87 -12.44 -11.23 -2.27
CA PRO A 87 -12.12 -11.45 -0.83
C PRO A 87 -12.04 -10.19 0.07
N PRO A 88 -11.44 -9.10 -0.44
CA PRO A 88 -11.32 -7.94 0.49
C PRO A 88 -12.65 -7.34 0.92
N ALA A 89 -13.76 -7.65 0.22
CA ALA A 89 -15.07 -7.02 0.51
C ALA A 89 -15.75 -7.51 1.79
N SER A 90 -15.34 -8.68 2.28
CA SER A 90 -16.01 -9.35 3.40
C SER A 90 -15.00 -9.74 4.49
N GLY A 91 -15.43 -9.58 5.76
CA GLY A 91 -14.57 -10.10 6.83
C GLY A 91 -14.61 -11.62 6.97
N SER A 92 -15.50 -12.30 6.23
CA SER A 92 -15.46 -13.76 6.23
C SER A 92 -14.37 -14.26 5.27
N SER A 93 -13.68 -13.36 4.56
CA SER A 93 -12.50 -13.80 3.79
C SER A 93 -11.32 -14.31 4.62
N ALA A 94 -10.42 -15.05 3.95
CA ALA A 94 -9.14 -15.36 4.56
C ALA A 94 -8.42 -14.07 4.97
N PRO A 95 -7.70 -14.11 6.11
CA PRO A 95 -7.09 -12.84 6.58
C PRO A 95 -5.92 -12.38 5.72
N ASN A 96 -5.89 -11.09 5.42
CA ASN A 96 -4.83 -10.41 4.67
C ASN A 96 -4.43 -9.21 5.55
N ALA A 97 -3.20 -8.73 5.41
CA ALA A 97 -2.82 -7.35 5.80
C ALA A 97 -3.20 -6.45 4.65
N MET A 98 -3.51 -5.18 4.93
CA MET A 98 -3.84 -4.24 3.88
C MET A 98 -2.97 -3.01 3.97
N VAL A 99 -2.52 -2.54 2.81
CA VAL A 99 -1.76 -1.32 2.67
C VAL A 99 -2.38 -0.49 1.57
N ILE A 100 -2.60 0.81 1.88
CA ILE A 100 -3.03 1.77 0.86
C ILE A 100 -1.86 2.70 0.55
N CYS A 101 -1.21 2.48 -0.59
CA CYS A 101 0.04 3.16 -0.92
C CYS A 101 0.12 3.51 -2.39
N PRO A 102 0.10 4.79 -2.75
CA PRO A 102 -0.16 5.96 -1.88
C PRO A 102 -1.63 6.05 -1.48
N CYS A 103 -1.88 6.75 -0.37
CA CYS A 103 -3.24 6.97 0.16
C CYS A 103 -3.58 8.43 -0.05
N SER A 104 -4.53 8.70 -0.91
CA SER A 104 -5.00 10.06 -1.11
C SER A 104 -5.74 10.57 0.16
N THR A 105 -5.88 11.89 0.23
CA THR A 105 -6.60 12.43 1.40
C THR A 105 -8.08 12.00 1.31
N GLY A 106 -8.62 11.85 0.08
CA GLY A 106 -9.99 11.40 -0.09
C GLY A 106 -10.19 9.97 0.43
N THR A 107 -9.25 9.06 0.14
CA THR A 107 -9.37 7.72 0.64
C THR A 107 -9.17 7.66 2.15
N LEU A 108 -8.21 8.43 2.67
CA LEU A 108 -8.03 8.57 4.11
C LEU A 108 -9.35 9.02 4.77
N SER A 109 -10.04 9.99 4.17
CA SER A 109 -11.35 10.46 4.68
C SER A 109 -12.39 9.35 4.67
N ALA A 110 -12.49 8.65 3.53
CA ALA A 110 -13.48 7.58 3.47
C ALA A 110 -13.22 6.49 4.52
N VAL A 111 -11.95 6.14 4.75
CA VAL A 111 -11.67 5.13 5.76
C VAL A 111 -12.00 5.61 7.14
N ALA A 112 -11.68 6.88 7.40
CA ALA A 112 -12.00 7.39 8.75
C ALA A 112 -13.51 7.53 9.00
N THR A 113 -14.30 7.84 7.97
CA THR A 113 -15.75 7.96 8.18
C THR A 113 -16.53 6.65 7.99
N GLY A 114 -15.92 5.65 7.36
CA GLY A 114 -16.59 4.40 7.00
C GLY A 114 -17.43 4.44 5.73
N ALA A 115 -17.07 5.32 4.79
CA ALA A 115 -17.95 5.50 3.58
C ALA A 115 -18.11 4.24 2.70
N CYS A 116 -17.11 3.39 2.64
CA CYS A 116 -17.30 2.12 1.83
C CYS A 116 -17.89 2.38 0.42
N ASN A 117 -17.47 3.42 -0.30
CA ASN A 117 -18.11 3.66 -1.58
C ASN A 117 -17.53 2.84 -2.73
N ASN A 118 -16.38 2.22 -2.53
CA ASN A 118 -15.77 1.32 -3.52
C ASN A 118 -15.04 0.23 -2.80
N LEU A 119 -14.45 -0.72 -3.54
CA LEU A 119 -13.84 -1.87 -2.90
C LEU A 119 -12.63 -1.51 -2.04
N ILE A 120 -11.87 -0.49 -2.40
CA ILE A 120 -10.72 -0.07 -1.54
C ILE A 120 -11.28 0.39 -0.18
N GLU A 121 -12.32 1.22 -0.21
CA GLU A 121 -12.84 1.80 1.04
C GLU A 121 -13.46 0.70 1.89
N ARG A 122 -14.27 -0.17 1.27
CA ARG A 122 -14.87 -1.29 2.01
C ARG A 122 -13.77 -2.22 2.52
N ALA A 123 -12.72 -2.50 1.76
CA ALA A 123 -11.70 -3.43 2.20
C ALA A 123 -11.02 -2.88 3.49
N ALA A 124 -10.78 -1.57 3.53
CA ALA A 124 -10.21 -0.95 4.73
C ALA A 124 -11.20 -1.00 5.91
N ASP A 125 -12.49 -0.75 5.63
CA ASP A 125 -13.53 -0.88 6.63
C ASP A 125 -13.56 -2.30 7.25
N VAL A 126 -13.40 -3.30 6.38
CA VAL A 126 -13.33 -4.69 6.81
C VAL A 126 -12.05 -4.97 7.62
N ALA A 127 -10.90 -4.45 7.18
CA ALA A 127 -9.68 -4.64 7.98
C ALA A 127 -9.87 -4.14 9.40
N LEU A 128 -10.45 -2.95 9.52
CA LEU A 128 -10.67 -2.38 10.86
C LEU A 128 -11.63 -3.24 11.68
N LYS A 129 -12.77 -3.67 11.10
CA LYS A 129 -13.73 -4.41 11.94
C LYS A 129 -13.22 -5.79 12.35
N GLU A 130 -12.33 -6.35 11.54
CA GLU A 130 -11.77 -7.66 11.86
C GLU A 130 -10.45 -7.55 12.62
N ARG A 131 -9.97 -6.31 12.86
CA ARG A 131 -8.69 -6.13 13.53
CA ARG A 131 -8.65 -6.04 13.47
C ARG A 131 -7.50 -6.71 12.74
N ARG A 132 -7.59 -6.61 11.40
CA ARG A 132 -6.47 -7.03 10.54
C ARG A 132 -5.60 -5.83 10.23
N PRO A 133 -4.33 -6.04 9.93
CA PRO A 133 -3.39 -4.89 9.74
C PRO A 133 -3.83 -3.96 8.63
N LEU A 134 -3.79 -2.68 8.93
CA LEU A 134 -4.12 -1.65 7.94
C LEU A 134 -3.06 -0.57 8.00
N VAL A 135 -2.32 -0.35 6.92
CA VAL A 135 -1.27 0.66 6.83
C VAL A 135 -1.67 1.64 5.75
N LEU A 136 -1.74 2.95 6.09
CA LEU A 136 -2.08 4.02 5.14
C LEU A 136 -0.84 4.85 4.88
N VAL A 137 -0.53 5.10 3.62
CA VAL A 137 0.70 5.83 3.26
C VAL A 137 0.30 7.15 2.57
N PRO A 138 -0.12 8.16 3.36
CA PRO A 138 -0.56 9.41 2.72
C PRO A 138 0.60 10.16 2.13
N ARG A 139 0.31 10.85 1.04
CA ARG A 139 1.30 11.76 0.45
C ARG A 139 0.58 13.07 0.18
N GLU A 140 0.85 14.09 0.99
CA GLU A 140 0.16 15.37 0.85
C GLU A 140 1.04 16.33 1.61
N ALA A 141 0.96 17.61 1.28
CA ALA A 141 1.58 18.66 2.12
C ALA A 141 1.03 20.00 1.68
N PRO A 142 0.69 20.87 2.64
CA PRO A 142 0.53 20.64 4.07
C PRO A 142 -0.49 19.56 4.34
N PHE A 143 -0.44 19.00 5.55
CA PHE A 143 -1.59 18.20 6.04
C PHE A 143 -2.47 19.18 6.77
N SER A 144 -3.72 19.33 6.33
CA SER A 144 -4.69 20.20 7.03
C SER A 144 -5.21 19.53 8.33
N SER A 145 -5.94 20.29 9.14
CA SER A 145 -6.59 19.70 10.30
C SER A 145 -7.60 18.64 9.90
N ILE A 146 -8.23 18.78 8.72
CA ILE A 146 -9.16 17.68 8.33
CA ILE A 146 -9.14 17.73 8.22
C ILE A 146 -8.36 16.40 8.11
N HIS A 147 -7.24 16.48 7.41
CA HIS A 147 -6.39 15.30 7.19
C HIS A 147 -5.90 14.75 8.52
N LEU A 148 -5.42 15.66 9.39
CA LEU A 148 -4.82 15.19 10.65
C LEU A 148 -5.83 14.53 11.58
N GLU A 149 -7.06 15.07 11.65
CA GLU A 149 -8.10 14.43 12.48
C GLU A 149 -8.42 13.03 11.94
N ASN A 150 -8.50 12.89 10.61
CA ASN A 150 -8.79 11.57 10.06
C ASN A 150 -7.67 10.60 10.37
N MET A 151 -6.41 11.08 10.27
CA MET A 151 -5.29 10.21 10.60
C MET A 151 -5.29 9.84 12.08
N LEU A 152 -5.57 10.79 12.98
CA LEU A 152 -5.55 10.51 14.41
C LEU A 152 -6.65 9.52 14.73
N LYS A 153 -7.86 9.74 14.22
CA LYS A 153 -8.93 8.80 14.54
C LYS A 153 -8.49 7.35 14.18
N LEU A 154 -7.94 7.17 12.99
CA LEU A 154 -7.56 5.84 12.54
C LEU A 154 -6.38 5.30 13.30
N SER A 155 -5.38 6.16 13.58
CA SER A 155 -4.24 5.69 14.39
C SER A 155 -4.69 5.23 15.78
N ASN A 156 -5.63 5.94 16.38
CA ASN A 156 -6.11 5.56 17.74
C ASN A 156 -6.80 4.24 17.70
N LEU A 157 -7.38 3.92 16.55
CA LEU A 157 -8.05 2.62 16.40
C LEU A 157 -7.07 1.49 16.17
N GLY A 158 -5.87 1.77 15.62
CA GLY A 158 -4.85 0.77 15.44
C GLY A 158 -4.31 0.71 14.01
N ALA A 159 -4.82 1.51 13.09
CA ALA A 159 -4.21 1.64 11.76
C ALA A 159 -2.88 2.33 11.89
N VAL A 160 -1.93 1.97 11.01
CA VAL A 160 -0.64 2.64 11.00
C VAL A 160 -0.64 3.73 9.96
N ILE A 161 -0.38 4.98 10.38
CA ILE A 161 -0.33 6.10 9.44
C ILE A 161 1.16 6.30 9.16
N LEU A 162 1.56 5.92 7.94
CA LEU A 162 2.98 5.91 7.59
C LEU A 162 3.12 6.86 6.40
N PRO A 163 3.38 8.14 6.67
CA PRO A 163 3.49 9.09 5.55
CA PRO A 163 3.49 9.08 5.54
C PRO A 163 4.67 8.77 4.64
N ALA A 164 4.51 9.16 3.37
CA ALA A 164 5.60 9.02 2.37
C ALA A 164 6.63 10.14 2.61
N ALA A 165 7.35 9.97 3.71
CA ALA A 165 8.30 10.98 4.17
C ALA A 165 9.63 10.27 4.40
N PRO A 166 10.39 10.07 3.30
CA PRO A 166 11.62 9.30 3.43
C PRO A 166 12.69 9.95 4.33
N GLY A 167 13.49 9.14 5.05
CA GLY A 167 14.64 9.64 5.79
C GLY A 167 15.88 9.66 4.90
N PHE A 168 16.88 10.38 5.39
CA PHE A 168 18.10 10.69 4.63
C PHE A 168 19.33 10.17 5.38
N TYR A 169 19.13 9.44 6.47
CA TYR A 169 20.24 9.11 7.37
C TYR A 169 21.11 7.99 6.83
N HIS A 170 20.74 7.42 5.70
CA HIS A 170 21.70 6.56 5.02
C HIS A 170 22.23 7.18 3.73
N GLN A 171 22.24 8.51 3.68
CA GLN A 171 22.78 9.26 2.52
C GLN A 171 22.28 8.69 1.18
N PRO A 172 20.98 8.85 0.92
CA PRO A 172 20.41 8.41 -0.34
C PRO A 172 21.06 9.12 -1.55
N GLN A 173 21.25 8.39 -2.63
CA GLN A 173 21.90 8.94 -3.84
C GLN A 173 21.01 9.03 -5.05
N SER A 174 19.77 8.55 -4.97
CA SER A 174 18.85 8.61 -6.09
C SER A 174 17.42 8.70 -5.57
N VAL A 175 16.50 9.05 -6.46
CA VAL A 175 15.05 8.94 -6.18
C VAL A 175 14.72 7.52 -5.70
N GLU A 176 15.29 6.49 -6.33
CA GLU A 176 14.98 5.13 -5.93
C GLU A 176 15.39 4.80 -4.49
N ASP A 177 16.49 5.39 -4.02
CA ASP A 177 16.90 5.15 -2.63
C ASP A 177 15.86 5.74 -1.70
N LEU A 178 15.27 6.88 -2.07
CA LEU A 178 14.18 7.47 -1.21
C LEU A 178 12.88 6.67 -1.29
N VAL A 179 12.51 6.21 -2.49
CA VAL A 179 11.35 5.33 -2.63
C VAL A 179 11.57 4.06 -1.77
N ASP A 180 12.76 3.46 -1.87
CA ASP A 180 13.04 2.26 -1.09
C ASP A 180 13.02 2.43 0.42
N PHE A 181 13.39 3.63 0.90
CA PHE A 181 13.30 3.91 2.33
C PHE A 181 11.84 3.67 2.79
N VAL A 182 10.91 4.34 2.13
CA VAL A 182 9.49 4.25 2.55
C VAL A 182 8.99 2.80 2.38
N VAL A 183 9.34 2.17 1.24
CA VAL A 183 8.88 0.79 1.05
C VAL A 183 9.42 -0.13 2.17
N ALA A 184 10.70 0.04 2.53
CA ALA A 184 11.32 -0.72 3.64
C ALA A 184 10.54 -0.55 4.94
N ARG A 185 10.07 0.69 5.17
CA ARG A 185 9.30 0.95 6.41
C ARG A 185 7.97 0.17 6.40
N ILE A 186 7.28 0.19 5.25
CA ILE A 186 6.04 -0.54 5.10
C ILE A 186 6.32 -2.03 5.35
N LEU A 187 7.37 -2.57 4.74
CA LEU A 187 7.62 -3.99 4.93
C LEU A 187 7.97 -4.34 6.37
N ASN A 188 8.76 -3.45 7.02
CA ASN A 188 9.08 -3.61 8.41
C ASN A 188 7.80 -3.65 9.26
N THR A 189 6.88 -2.72 8.95
CA THR A 189 5.61 -2.63 9.69
C THR A 189 4.77 -3.91 9.54
N LEU A 190 4.82 -4.48 8.34
CA LEU A 190 4.11 -5.72 8.02
C LEU A 190 4.78 -6.96 8.60
N GLY A 191 6.04 -6.84 8.99
CA GLY A 191 6.80 -8.00 9.44
C GLY A 191 7.39 -8.82 8.31
N ILE A 192 7.59 -8.20 7.15
CA ILE A 192 8.07 -8.90 5.94
C ILE A 192 9.54 -8.56 5.75
N PRO A 193 10.40 -9.58 5.52
CA PRO A 193 11.82 -9.25 5.36
C PRO A 193 12.13 -8.25 4.26
N GLN A 194 13.15 -7.42 4.52
CA GLN A 194 13.62 -6.46 3.51
C GLN A 194 15.10 -6.19 3.79
N ASP A 195 15.85 -5.94 2.74
CA ASP A 195 17.28 -5.69 2.91
C ASP A 195 17.70 -4.34 2.32
N MET A 196 16.72 -3.46 2.13
CA MET A 196 17.01 -2.12 1.59
C MET A 196 17.42 -1.13 2.69
N LEU A 197 16.82 -1.29 3.87
CA LEU A 197 17.14 -0.38 4.97
C LEU A 197 17.73 -1.11 6.17
N PRO A 198 19.02 -0.82 6.52
CA PRO A 198 19.68 -1.54 7.64
C PRO A 198 18.96 -1.36 8.98
N ARG A 199 19.23 -2.27 9.90
CA ARG A 199 18.70 -2.16 11.27
C ARG A 199 19.55 -1.17 12.03
N TRP A 200 18.99 0.02 12.33
CA TRP A 200 19.73 1.08 13.02
C TRP A 200 20.45 0.61 14.28
N GLY A 201 21.75 0.86 14.33
CA GLY A 201 22.49 0.61 15.57
C GLY A 201 22.74 -0.85 15.91
N GLU A 202 22.41 -1.77 15.00
CA GLU A 202 22.43 -3.20 15.32
C GLU A 202 23.82 -3.62 15.78
N GLN A 203 24.87 -2.97 15.24
CA GLN A 203 26.23 -3.34 15.69
CA GLN A 203 26.29 -3.25 15.59
C GLN A 203 26.84 -2.44 16.77
N HIS A 204 26.05 -1.47 17.28
CA HIS A 204 26.51 -0.50 18.29
C HIS A 204 26.33 -1.11 19.73
N LEU A 205 27.41 -1.43 20.44
CA LEU A 205 27.32 -2.20 21.72
C LEU A 205 27.17 -1.32 22.97
N VAL A 206 27.79 -0.15 22.87
CA VAL A 206 27.87 0.83 23.97
C VAL A 206 28.37 2.17 23.40
N SER A 207 28.39 3.27 24.18
CA SER A 207 29.56 4.26 24.08
C SER A 207 29.90 5.11 25.32
C9A FNR B . -3.85 14.04 -7.37
N10 FNR B . -4.57 14.14 -6.15
CAA FNR B . -3.80 14.06 -4.99
N1 FNR B . -4.54 13.79 -3.83
C2 FNR B . -3.80 13.69 -2.65
O2 FNR B . -4.40 13.42 -1.59
N3 FNR B . -2.43 13.76 -2.59
C4 FNR B . -1.67 14.03 -3.78
O4 FNR B . -0.45 14.00 -3.75
C4A FNR B . -2.41 14.18 -4.97
N5 FNR B . -1.74 14.42 -6.18
C5A FNR B . -2.45 14.17 -7.35
C6 FNR B . -1.71 14.12 -8.53
C7 FNR B . -2.39 13.83 -9.72
C7M FNR B . -1.53 13.76 -11.02
C8 FNR B . -3.76 13.68 -9.76
C8M FNR B . -4.46 13.35 -11.09
C9 FNR B . -4.51 13.75 -8.57
C1' FNR B . -6.08 14.29 -6.07
C2' FNR B . -6.82 12.96 -5.92
O2' FNR B . -6.47 12.04 -7.00
C3' FNR B . -8.34 13.22 -5.91
O3' FNR B . -8.65 13.96 -4.69
C4' FNR B . -9.11 11.91 -5.99
O4' FNR B . -10.45 12.24 -5.75
C5' FNR B . -8.61 10.78 -5.06
O5' FNR B . -9.46 9.66 -5.32
P FNR B . -9.09 8.26 -4.90
O1P FNR B . -10.41 7.40 -5.16
O2P FNR B . -8.87 8.34 -3.34
O3P FNR B . -7.93 7.78 -5.63
S SO4 C . 13.07 6.84 12.31
O1 SO4 C . 13.04 6.78 10.84
O2 SO4 C . 12.54 8.22 12.77
O3 SO4 C . 12.24 5.73 12.90
O4 SO4 C . 14.50 6.77 12.79
S SO4 D . -13.23 4.77 -8.26
O1 SO4 D . -13.93 4.21 -9.45
O2 SO4 D . -13.22 6.25 -8.36
O3 SO4 D . -14.02 4.22 -7.14
O4 SO4 D . -11.89 4.31 -8.15
#